data_3W84
#
_entry.id   3W84
#
_cell.length_a   68.276
_cell.length_b   71.676
_cell.length_c   129.906
_cell.angle_alpha   90.000
_cell.angle_beta   90.000
_cell.angle_gamma   90.000
#
_symmetry.space_group_name_H-M   'P 21 21 21'
#
loop_
_entity.id
_entity.type
_entity.pdbx_description
1 polymer 'Dihydroorotate dehydrogenase (fumarate)'
2 non-polymer '5-{2-[3-(methoxymethoxy)naphthalen-2-yl]ethyl}-2,6-dioxo-1,2,3,6-tetrahydropyrimidine-4-carboxylic acid'
3 non-polymer GLYCEROL
4 non-polymer 'FLAVIN MONONUCLEOTIDE'
5 non-polymer 'COBALT HEXAMMINE(III)'
6 water water
#
_entity_poly.entity_id   1
_entity_poly.type   'polypeptide(L)'
_entity_poly.pdbx_seq_one_letter_code
;MCLKLNLLDHVFANPFMNAAGVLCSTEEDLRCMTASSSGALVSKSCTSAPRDGNPEPRYMAFPLGSINSMGLPNLGFDFY
LKYASDLHDYSKKPLFLSISGLSVEENVAMVRRLAPVAQEKGVLLELNLSCPNVPGKPQVAYDFEAMRTYLQQVSLAYGL
PFGVKMPPYFDIAHFDTAAAVLNEFPLVKFVTCVNSVGNGLVIDAESESVVIKPKQGFGGLGGKYILPTALANVNAFYRR
CPDKLVFGCGGVYSGEDAFLHILAGASMVQVGTALQEEGPGIFTRLEDELLEIMARKGYRTLEEFRGRVKTIE
;
_entity_poly.pdbx_strand_id   A,B
#
# COMPACT_ATOMS: atom_id res chain seq x y z
N MET A 1 7.36 3.22 -36.46
CA MET A 1 7.16 2.89 -35.01
C MET A 1 7.74 4.02 -34.16
N CYS A 2 6.95 4.56 -33.25
CA CYS A 2 7.41 5.75 -32.57
C CYS A 2 6.76 5.99 -31.23
N LEU A 3 7.51 6.67 -30.36
CA LEU A 3 7.04 6.89 -28.99
C LEU A 3 6.51 8.27 -28.76
N LYS A 4 6.40 9.06 -29.82
CA LYS A 4 6.09 10.47 -29.76
C LYS A 4 4.72 10.66 -29.15
N LEU A 5 4.56 11.75 -28.42
CA LEU A 5 3.27 12.18 -27.97
C LEU A 5 3.10 13.67 -28.11
N ASN A 6 1.86 14.08 -28.25
CA ASN A 6 1.52 15.52 -28.19
C ASN A 6 0.44 15.65 -27.24
N LEU A 7 0.62 16.42 -26.20
CA LEU A 7 -0.46 16.69 -25.27
C LEU A 7 -0.18 17.95 -24.48
N LEU A 8 -1.21 18.50 -23.86
CA LEU A 8 -1.10 19.77 -23.18
C LEU A 8 -0.38 20.80 -24.01
N ASP A 9 -0.63 20.77 -25.31
CA ASP A 9 -0.05 21.70 -26.27
C ASP A 9 1.48 21.64 -26.33
N HIS A 10 2.05 20.46 -26.04
CA HIS A 10 3.51 20.30 -26.11
C HIS A 10 3.77 19.01 -26.80
N VAL A 11 4.97 18.88 -27.31
CA VAL A 11 5.37 17.69 -28.02
C VAL A 11 6.50 16.99 -27.25
N PHE A 12 6.39 15.68 -27.12
CA PHE A 12 7.30 14.89 -26.30
C PHE A 12 7.91 13.76 -27.13
N ALA A 13 9.22 13.60 -27.13
CA ALA A 13 9.83 12.58 -28.00
C ALA A 13 9.38 11.19 -27.54
N ASN A 14 9.16 11.04 -26.24
CA ASN A 14 8.75 9.76 -25.69
C ASN A 14 8.00 9.99 -24.38
N PRO A 15 7.44 8.95 -23.79
CA PRO A 15 6.61 9.30 -22.61
C PRO A 15 7.36 9.35 -21.25
N PHE A 16 8.66 9.08 -21.25
CA PHE A 16 9.42 8.97 -20.02
C PHE A 16 9.89 10.31 -19.45
N MET A 17 9.88 10.36 -18.12
CA MET A 17 10.39 11.50 -17.37
C MET A 17 10.77 11.05 -15.98
N ASN A 18 11.61 11.81 -15.31
CA ASN A 18 11.91 11.53 -13.91
C ASN A 18 10.62 11.68 -13.07
N ALA A 19 10.56 11.01 -11.93
CA ALA A 19 9.51 11.40 -10.92
C ALA A 19 10.02 12.57 -10.07
N ALA A 20 9.15 13.46 -9.63
CA ALA A 20 9.52 14.50 -8.75
C ALA A 20 10.27 13.95 -7.50
N GLY A 21 11.37 14.63 -7.22
CA GLY A 21 12.24 14.36 -6.18
C GLY A 21 13.47 13.64 -6.61
N VAL A 22 13.45 12.96 -7.76
CA VAL A 22 14.62 12.22 -8.18
C VAL A 22 15.33 12.99 -9.29
N LEU A 23 16.67 13.18 -9.13
CA LEU A 23 17.55 13.87 -10.07
C LEU A 23 16.95 15.14 -10.59
N CYS A 24 16.43 15.96 -9.67
CA CYS A 24 15.78 17.24 -10.03
C CYS A 24 15.93 18.44 -9.08
N SER A 25 16.93 18.41 -8.19
CA SER A 25 17.00 19.34 -7.10
C SER A 25 17.87 20.55 -7.38
N THR A 26 18.99 20.34 -8.10
CA THR A 26 19.96 21.36 -8.31
C THR A 26 20.01 21.66 -9.80
N GLU A 27 20.78 22.70 -10.15
CA GLU A 27 20.94 23.09 -11.56
C GLU A 27 21.67 21.99 -12.32
N GLU A 28 22.66 21.44 -11.65
CA GLU A 28 23.39 20.28 -12.19
C GLU A 28 22.43 19.16 -12.58
N ASP A 29 21.51 18.81 -11.67
CA ASP A 29 20.57 17.68 -11.83
C ASP A 29 19.64 17.91 -13.04
N LEU A 30 19.14 19.13 -13.06
CA LEU A 30 18.20 19.54 -14.08
C LEU A 30 18.90 19.57 -15.44
N ARG A 31 20.11 20.07 -15.52
CA ARG A 31 20.89 19.93 -16.79
C ARG A 31 21.09 18.46 -17.18
N CYS A 32 21.31 17.60 -16.21
CA CYS A 32 21.56 16.19 -16.49
C CYS A 32 20.32 15.57 -17.06
N MET A 33 19.15 15.88 -16.45
CA MET A 33 17.92 15.31 -16.97
C MET A 33 17.63 15.88 -18.36
N THR A 34 17.91 17.16 -18.55
CA THR A 34 17.81 17.77 -19.87
C THR A 34 18.72 17.10 -20.91
N ALA A 35 19.96 16.79 -20.55
CA ALA A 35 20.84 16.05 -21.45
C ALA A 35 20.43 14.56 -21.73
N SER A 36 19.57 13.99 -20.90
CA SER A 36 19.18 12.61 -21.04
C SER A 36 18.20 12.44 -22.20
N SER A 37 17.88 11.20 -22.51
CA SER A 37 17.00 10.99 -23.60
C SER A 37 15.60 10.91 -23.07
N SER A 38 15.38 11.39 -21.83
CA SER A 38 13.97 11.54 -21.36
C SER A 38 13.14 12.41 -22.26
N GLY A 39 11.83 12.16 -22.31
CA GLY A 39 10.92 13.00 -23.12
C GLY A 39 10.50 14.29 -22.42
N ALA A 40 10.59 14.32 -21.10
CA ALA A 40 10.43 15.53 -20.30
C ALA A 40 11.25 15.45 -19.00
N LEU A 41 11.13 16.48 -18.15
CA LEU A 41 11.59 16.42 -16.82
C LEU A 41 10.65 17.28 -15.96
N VAL A 42 10.69 17.00 -14.65
CA VAL A 42 10.00 17.75 -13.59
C VAL A 42 11.00 18.17 -12.54
N SER A 43 10.91 19.40 -12.07
CA SER A 43 11.81 19.91 -11.04
C SER A 43 11.36 19.49 -9.65
N LYS A 44 12.30 19.48 -8.70
CA LYS A 44 12.02 19.04 -7.36
C LYS A 44 10.91 19.86 -6.76
N SER A 45 10.00 19.16 -6.09
CA SER A 45 8.90 19.85 -5.40
C SER A 45 9.48 20.94 -4.49
N CYS A 46 8.91 22.13 -4.53
CA CYS A 46 9.44 23.23 -3.78
C CYS A 46 8.42 23.92 -2.82
N THR A 47 9.04 24.68 -1.93
CA THR A 47 8.38 25.51 -0.93
C THR A 47 8.91 26.89 -1.18
N SER A 48 8.25 27.86 -0.57
CA SER A 48 8.60 29.24 -0.68
C SER A 48 10.03 29.51 -0.22
N ALA A 49 10.44 28.91 0.87
CA ALA A 49 11.78 29.13 1.38
C ALA A 49 12.57 27.85 1.09
N PRO A 50 13.88 27.97 0.90
CA PRO A 50 14.73 26.77 0.72
C PRO A 50 14.68 25.92 2.01
N ARG A 51 14.91 24.61 1.89
CA ARG A 51 14.83 23.67 2.98
C ARG A 51 15.97 22.70 2.94
N ASP A 52 16.53 22.43 4.13
CA ASP A 52 17.58 21.44 4.34
C ASP A 52 16.98 20.04 4.30
N GLY A 53 15.75 19.92 4.78
CA GLY A 53 15.08 18.63 4.84
C GLY A 53 15.48 17.90 6.12
N ASN A 54 15.20 16.62 6.16
CA ASN A 54 15.38 15.80 7.36
C ASN A 54 16.81 15.33 7.54
N PRO A 55 17.15 14.91 8.77
CA PRO A 55 18.47 14.37 8.99
C PRO A 55 18.72 13.07 8.23
N GLU A 56 19.99 12.80 7.90
CA GLU A 56 20.35 11.58 7.18
C GLU A 56 20.73 10.48 8.15
N PRO A 57 20.63 9.20 7.73
CA PRO A 57 20.11 8.66 6.47
C PRO A 57 18.59 8.83 6.33
N ARG A 58 18.14 9.23 5.16
CA ARG A 58 16.73 9.57 4.89
C ARG A 58 16.20 8.91 3.58
N TYR A 59 17.08 8.26 2.80
CA TYR A 59 16.68 7.44 1.67
C TYR A 59 17.52 6.24 1.71
N MET A 60 16.89 5.10 1.46
CA MET A 60 17.64 3.85 1.25
C MET A 60 16.89 3.02 0.25
N ALA A 61 17.68 2.25 -0.55
CA ALA A 61 17.14 1.38 -1.55
C ALA A 61 17.67 -0.02 -1.45
N PHE A 62 16.90 -0.94 -1.99
CA PHE A 62 17.10 -2.33 -1.83
C PHE A 62 16.55 -3.00 -3.06
N PRO A 63 16.74 -4.34 -3.21
CA PRO A 63 16.36 -5.04 -4.43
C PRO A 63 14.92 -4.80 -4.85
N LEU A 64 13.99 -4.72 -3.91
CA LEU A 64 12.58 -4.57 -4.31
C LEU A 64 12.09 -3.14 -4.23
N GLY A 65 12.99 -2.19 -3.91
CA GLY A 65 12.59 -0.78 -3.89
C GLY A 65 13.31 0.12 -2.91
N SER A 66 12.59 1.20 -2.52
CA SER A 66 13.15 2.26 -1.68
C SER A 66 12.23 2.70 -0.55
N ILE A 67 12.85 3.31 0.44
CA ILE A 67 12.10 3.97 1.50
C ILE A 67 12.72 5.36 1.67
N ASN A 68 11.90 6.39 1.89
CA ASN A 68 12.42 7.74 2.12
C ASN A 68 11.56 8.55 3.09
N SER A 69 12.24 9.39 3.86
CA SER A 69 11.55 10.51 4.49
C SER A 69 12.47 11.72 4.38
N MET A 70 12.51 12.28 3.16
CA MET A 70 13.57 13.25 2.81
C MET A 70 13.26 14.56 3.57
N GLY A 71 11.99 14.79 3.75
CA GLY A 71 11.54 16.00 4.34
C GLY A 71 11.55 17.28 3.47
N LEU A 72 11.26 17.12 2.18
CA LEU A 72 11.18 18.23 1.20
C LEU A 72 12.38 19.19 1.19
N PRO A 73 13.58 18.64 1.08
CA PRO A 73 14.74 19.49 0.86
C PRO A 73 14.70 20.08 -0.56
N ASN A 74 14.99 21.37 -0.70
CA ASN A 74 14.88 21.99 -2.01
C ASN A 74 15.52 23.38 -1.98
N LEU A 75 15.81 23.93 -3.16
CA LEU A 75 16.53 25.19 -3.24
C LEU A 75 15.58 26.38 -3.10
N GLY A 76 14.29 26.12 -2.96
CA GLY A 76 13.31 27.20 -2.86
C GLY A 76 12.69 27.56 -4.21
N PHE A 77 11.50 28.08 -4.13
CA PHE A 77 10.73 28.40 -5.27
C PHE A 77 11.41 29.36 -6.19
N ASP A 78 12.08 30.39 -5.66
CA ASP A 78 12.70 31.36 -6.51
C ASP A 78 13.74 30.70 -7.44
N PHE A 79 14.46 29.75 -6.90
CA PHE A 79 15.38 29.00 -7.73
C PHE A 79 14.72 28.27 -8.89
N TYR A 80 13.66 27.48 -8.63
CA TYR A 80 12.97 26.73 -9.69
C TYR A 80 12.23 27.60 -10.69
N LEU A 81 11.59 28.67 -10.23
CA LEU A 81 11.09 29.74 -11.13
C LEU A 81 12.15 30.27 -12.09
N LYS A 82 13.33 30.56 -11.58
CA LYS A 82 14.40 31.08 -12.38
C LYS A 82 14.86 30.08 -13.38
N TYR A 83 14.92 28.83 -12.96
CA TYR A 83 15.37 27.77 -13.89
C TYR A 83 14.38 27.75 -15.07
N ALA A 84 13.10 27.79 -14.75
CA ALA A 84 12.03 27.74 -15.76
C ALA A 84 12.06 28.96 -16.71
N SER A 85 12.28 30.14 -16.11
CA SER A 85 12.11 31.37 -16.83
C SER A 85 13.36 31.70 -17.61
N ASP A 86 14.56 31.48 -17.04
CA ASP A 86 15.81 31.90 -17.67
C ASP A 86 16.82 30.81 -18.10
N LEU A 87 16.81 29.64 -17.50
CA LEU A 87 17.90 28.65 -17.73
C LEU A 87 17.47 27.45 -18.58
N HIS A 88 16.24 27.02 -18.47
CA HIS A 88 15.84 25.83 -19.24
C HIS A 88 15.69 25.99 -20.76
N ASP A 89 16.30 25.09 -21.52
CA ASP A 89 16.16 25.08 -22.95
C ASP A 89 14.94 24.25 -23.38
N TYR A 90 13.82 24.93 -23.64
CA TYR A 90 12.59 24.25 -24.00
C TYR A 90 12.70 23.63 -25.38
N SER A 91 13.72 23.98 -26.18
CA SER A 91 13.86 23.31 -27.49
C SER A 91 14.29 21.84 -27.31
N LYS A 92 14.87 21.53 -26.15
CA LYS A 92 15.30 20.18 -25.80
C LYS A 92 14.11 19.29 -25.44
N LYS A 93 13.30 19.75 -24.49
CA LYS A 93 12.14 19.02 -24.02
C LYS A 93 11.30 19.89 -23.08
N PRO A 94 10.07 19.52 -22.84
CA PRO A 94 9.29 20.36 -21.90
C PRO A 94 9.65 20.13 -20.47
N LEU A 95 9.20 21.06 -19.65
CA LEU A 95 9.56 21.16 -18.26
C LEU A 95 8.26 21.24 -17.50
N PHE A 96 8.12 20.34 -16.51
CA PHE A 96 7.14 20.49 -15.40
C PHE A 96 7.85 21.06 -14.19
N LEU A 97 7.16 21.91 -13.44
CA LEU A 97 7.64 22.45 -12.19
C LEU A 97 6.68 21.92 -11.11
N SER A 98 7.19 21.11 -10.16
CA SER A 98 6.37 20.60 -9.06
C SER A 98 6.41 21.62 -7.89
N ILE A 99 5.27 21.92 -7.34
CA ILE A 99 5.26 22.68 -6.14
C ILE A 99 4.58 21.90 -5.00
N SER A 100 5.12 22.08 -3.82
CA SER A 100 4.61 21.33 -2.70
C SER A 100 4.53 22.12 -1.44
N GLY A 101 3.69 23.16 -1.46
CA GLY A 101 3.58 24.06 -0.32
C GLY A 101 3.03 23.37 0.91
N LEU A 102 3.42 23.85 2.07
CA LEU A 102 3.06 23.24 3.36
C LEU A 102 1.74 23.74 3.97
N SER A 103 1.10 24.67 3.27
CA SER A 103 -0.22 25.13 3.54
C SER A 103 -0.81 25.59 2.23
N VAL A 104 -2.11 25.72 2.21
CA VAL A 104 -2.75 26.25 1.03
C VAL A 104 -2.25 27.66 0.71
N GLU A 105 -2.04 28.51 1.72
CA GLU A 105 -1.53 29.88 1.46
C GLU A 105 -0.16 29.90 0.73
N GLU A 106 0.71 28.99 1.11
CA GLU A 106 2.05 28.96 0.53
C GLU A 106 1.95 28.62 -0.97
N ASN A 107 1.09 27.65 -1.28
CA ASN A 107 0.86 27.22 -2.69
C ASN A 107 0.27 28.35 -3.56
N VAL A 108 -0.68 29.10 -3.00
CA VAL A 108 -1.27 30.22 -3.69
C VAL A 108 -0.21 31.28 -4.00
N ALA A 109 0.68 31.50 -3.05
CA ALA A 109 1.68 32.50 -3.21
C ALA A 109 2.59 32.09 -4.36
N MET A 110 3.00 30.83 -4.37
CA MET A 110 3.90 30.39 -5.45
C MET A 110 3.17 30.40 -6.81
N VAL A 111 1.95 29.85 -6.89
CA VAL A 111 1.33 29.78 -8.27
C VAL A 111 1.00 31.16 -8.93
N ARG A 112 0.67 32.16 -8.12
CA ARG A 112 0.45 33.51 -8.63
C ARG A 112 1.69 34.01 -9.29
N ARG A 113 2.85 33.61 -8.81
CA ARG A 113 4.07 34.09 -9.44
C ARG A 113 4.59 33.18 -10.57
N LEU A 114 4.23 31.89 -10.52
CA LEU A 114 4.48 30.95 -11.64
C LEU A 114 3.68 31.30 -12.91
N ALA A 115 2.47 31.79 -12.71
CA ALA A 115 1.52 32.01 -13.84
C ALA A 115 2.10 32.73 -15.05
N PRO A 116 2.73 33.91 -14.87
CA PRO A 116 3.19 34.64 -16.06
C PRO A 116 4.32 33.86 -16.78
N VAL A 117 5.15 33.19 -16.00
CA VAL A 117 6.22 32.36 -16.64
C VAL A 117 5.60 31.14 -17.36
N ALA A 118 4.65 30.46 -16.74
CA ALA A 118 3.92 29.40 -17.44
C ALA A 118 3.28 29.86 -18.74
N GLN A 119 2.49 30.94 -18.69
CA GLN A 119 1.95 31.54 -19.92
C GLN A 119 3.01 31.82 -21.00
N GLU A 120 4.11 32.48 -20.60
CA GLU A 120 5.10 32.96 -21.51
C GLU A 120 6.07 31.88 -22.00
N LYS A 121 6.56 31.01 -21.10
CA LYS A 121 7.55 29.97 -21.44
C LYS A 121 6.96 28.56 -21.67
N GLY A 122 5.80 28.28 -21.12
CA GLY A 122 5.13 27.02 -21.35
C GLY A 122 5.48 25.93 -20.33
N VAL A 123 6.19 26.32 -19.25
CA VAL A 123 6.33 25.44 -18.08
C VAL A 123 4.99 24.95 -17.52
N LEU A 124 4.97 23.66 -17.19
CA LEU A 124 3.77 22.98 -16.74
C LEU A 124 3.79 22.73 -15.21
N LEU A 125 2.76 23.18 -14.52
CA LEU A 125 2.61 23.03 -13.06
C LEU A 125 2.12 21.63 -12.65
N GLU A 126 2.89 20.95 -11.78
CA GLU A 126 2.44 19.72 -11.12
C GLU A 126 2.31 20.04 -9.62
N LEU A 127 1.09 20.11 -9.13
CA LEU A 127 0.85 20.45 -7.73
C LEU A 127 0.82 19.20 -6.86
N ASN A 128 1.70 19.13 -5.85
CA ASN A 128 1.78 17.94 -5.01
C ASN A 128 0.75 17.95 -3.90
N LEU A 129 -0.21 17.04 -4.02
CA LEU A 129 -1.28 16.89 -3.04
C LEU A 129 -0.97 15.79 -2.00
N SER A 130 0.05 14.96 -2.26
CA SER A 130 0.49 13.95 -1.32
C SER A 130 1.52 14.60 -0.40
N CYS A 131 1.02 15.43 0.53
CA CYS A 131 1.83 16.41 1.21
C CYS A 131 1.21 16.71 2.59
N PRO A 132 2.05 16.88 3.64
CA PRO A 132 1.50 17.24 4.95
C PRO A 132 0.78 18.59 4.95
N ASN A 133 -0.18 18.75 5.85
CA ASN A 133 -0.85 20.03 6.09
C ASN A 133 -0.75 20.50 7.55
N VAL A 134 -1.75 20.14 8.37
CA VAL A 134 -1.64 20.24 9.81
C VAL A 134 -1.18 18.89 10.42
N PRO A 135 -0.10 18.89 11.23
CA PRO A 135 0.27 17.60 11.87
C PRO A 135 -0.87 17.06 12.73
N GLY A 136 -1.12 15.75 12.67
CA GLY A 136 -2.32 15.13 13.25
C GLY A 136 -3.55 15.16 12.37
N LYS A 137 -3.45 15.83 11.24
CA LYS A 137 -4.41 15.63 10.18
C LYS A 137 -3.76 14.76 9.13
N PRO A 138 -4.60 14.05 8.35
CA PRO A 138 -4.02 13.27 7.24
C PRO A 138 -3.35 14.18 6.23
N GLN A 139 -2.45 13.62 5.42
CA GLN A 139 -1.94 14.37 4.31
C GLN A 139 -3.07 14.96 3.47
N VAL A 140 -2.74 15.99 2.68
CA VAL A 140 -3.83 16.77 2.01
C VAL A 140 -4.85 15.88 1.19
N ALA A 141 -4.33 14.96 0.39
CA ALA A 141 -5.17 14.18 -0.53
C ALA A 141 -5.90 13.00 0.15
N TYR A 142 -5.64 12.80 1.45
CA TYR A 142 -6.41 11.89 2.25
C TYR A 142 -7.42 12.65 3.11
N ASP A 143 -7.55 13.96 2.86
CA ASP A 143 -8.48 14.85 3.60
C ASP A 143 -9.24 15.62 2.50
N PHE A 144 -10.39 15.06 2.07
CA PHE A 144 -11.06 15.50 0.82
C PHE A 144 -11.53 16.92 0.88
N GLU A 145 -11.92 17.36 2.07
CA GLU A 145 -12.26 18.78 2.22
C GLU A 145 -11.01 19.72 2.06
N ALA A 146 -9.85 19.37 2.64
CA ALA A 146 -8.65 20.14 2.38
C ALA A 146 -8.20 20.09 0.90
N MET A 147 -8.34 18.93 0.27
CA MET A 147 -8.01 18.80 -1.16
C MET A 147 -8.93 19.71 -2.00
N ARG A 148 -10.22 19.75 -1.70
CA ARG A 148 -11.08 20.66 -2.42
C ARG A 148 -10.62 22.09 -2.22
N THR A 149 -10.29 22.43 -0.99
CA THR A 149 -9.84 23.80 -0.68
C THR A 149 -8.60 24.18 -1.44
N TYR A 150 -7.67 23.26 -1.48
CA TYR A 150 -6.43 23.54 -2.18
C TYR A 150 -6.65 23.76 -3.68
N LEU A 151 -7.39 22.87 -4.36
CA LEU A 151 -7.71 23.01 -5.81
C LEU A 151 -8.57 24.25 -6.17
N GLN A 152 -9.44 24.66 -5.27
CA GLN A 152 -10.23 25.88 -5.47
C GLN A 152 -9.31 27.10 -5.53
N GLN A 153 -8.47 27.22 -4.51
CA GLN A 153 -7.62 28.39 -4.35
C GLN A 153 -6.53 28.49 -5.39
N VAL A 154 -5.93 27.36 -5.74
CA VAL A 154 -4.93 27.30 -6.75
C VAL A 154 -5.54 27.50 -8.14
N SER A 155 -6.69 26.92 -8.44
CA SER A 155 -7.35 27.22 -9.71
C SER A 155 -7.56 28.75 -9.85
N LEU A 156 -8.07 29.35 -8.81
CA LEU A 156 -8.33 30.80 -8.78
C LEU A 156 -7.06 31.60 -8.96
N ALA A 157 -6.05 31.25 -8.19
CA ALA A 157 -4.82 31.95 -8.16
C ALA A 157 -4.00 31.75 -9.40
N TYR A 158 -4.11 30.59 -10.07
CA TYR A 158 -3.25 30.25 -11.22
C TYR A 158 -3.88 30.56 -12.57
N GLY A 159 -5.09 30.09 -12.77
CA GLY A 159 -5.88 30.52 -13.91
C GLY A 159 -5.46 29.82 -15.17
N LEU A 160 -4.61 28.79 -15.04
CA LEU A 160 -4.07 28.12 -16.21
C LEU A 160 -4.18 26.61 -16.04
N PRO A 161 -4.03 25.86 -17.13
CA PRO A 161 -4.03 24.39 -16.97
C PRO A 161 -2.87 23.95 -16.05
N PHE A 162 -3.12 23.01 -15.16
CA PHE A 162 -2.09 22.36 -14.35
C PHE A 162 -2.42 20.91 -14.09
N GLY A 163 -1.54 20.23 -13.37
CA GLY A 163 -1.77 18.82 -12.97
C GLY A 163 -1.57 18.65 -11.48
N VAL A 164 -1.99 17.50 -10.98
CA VAL A 164 -1.86 17.20 -9.60
C VAL A 164 -1.15 15.84 -9.41
N LYS A 165 -0.32 15.75 -8.37
CA LYS A 165 0.31 14.48 -7.95
C LYS A 165 -0.46 13.91 -6.75
N MET A 166 -1.00 12.69 -6.93
CA MET A 166 -1.87 11.99 -5.98
C MET A 166 -1.15 10.88 -5.18
N PRO A 167 -1.52 10.70 -3.90
CA PRO A 167 -1.10 9.56 -3.10
C PRO A 167 -1.81 8.33 -3.66
N PRO A 168 -1.31 7.11 -3.39
CA PRO A 168 -2.18 5.94 -3.69
C PRO A 168 -3.41 5.88 -2.79
N TYR A 169 -4.53 5.37 -3.31
CA TYR A 169 -5.71 4.98 -2.53
C TYR A 169 -5.98 3.46 -2.65
N PHE A 170 -6.65 2.88 -1.64
CA PHE A 170 -6.70 1.42 -1.50
C PHE A 170 -8.11 0.93 -1.35
N ASP A 171 -9.07 1.84 -1.51
CA ASP A 171 -10.47 1.61 -1.28
C ASP A 171 -11.26 2.31 -2.42
N ILE A 172 -12.23 1.58 -2.95
CA ILE A 172 -13.01 2.00 -4.13
C ILE A 172 -13.86 3.24 -3.81
N ALA A 173 -14.34 3.33 -2.59
CA ALA A 173 -15.10 4.51 -2.20
C ALA A 173 -14.16 5.75 -2.17
N HIS A 174 -12.88 5.55 -1.83
CA HIS A 174 -11.87 6.66 -1.93
C HIS A 174 -11.51 7.08 -3.38
N PHE A 175 -11.39 6.08 -4.29
CA PHE A 175 -11.28 6.35 -5.71
C PHE A 175 -12.47 7.19 -6.15
N ASP A 176 -13.67 6.75 -5.76
CA ASP A 176 -14.91 7.36 -6.21
C ASP A 176 -15.02 8.80 -5.74
N THR A 177 -14.62 9.02 -4.50
CA THR A 177 -14.64 10.37 -3.90
C THR A 177 -13.54 11.26 -4.46
N ALA A 178 -12.30 10.76 -4.58
CA ALA A 178 -11.18 11.59 -5.00
C ALA A 178 -11.38 12.06 -6.44
N ALA A 179 -11.87 11.18 -7.32
CA ALA A 179 -12.03 11.57 -8.73
C ALA A 179 -13.17 12.55 -8.94
N ALA A 180 -14.19 12.42 -8.13
CA ALA A 180 -15.30 13.37 -8.11
C ALA A 180 -14.78 14.77 -7.77
N VAL A 181 -13.94 14.87 -6.73
CA VAL A 181 -13.31 16.13 -6.35
C VAL A 181 -12.47 16.70 -7.49
N LEU A 182 -11.58 15.90 -8.06
CA LEU A 182 -10.79 16.36 -9.19
C LEU A 182 -11.61 16.84 -10.39
N ASN A 183 -12.66 16.08 -10.74
CA ASN A 183 -13.58 16.43 -11.79
C ASN A 183 -14.36 17.75 -11.55
N GLU A 184 -14.38 18.26 -10.32
CA GLU A 184 -14.90 19.63 -10.07
C GLU A 184 -14.06 20.72 -10.70
N PHE A 185 -12.81 20.43 -11.07
CA PHE A 185 -11.85 21.46 -11.44
C PHE A 185 -11.36 21.30 -12.89
N PRO A 186 -11.97 22.07 -13.81
CA PRO A 186 -11.60 22.04 -15.20
C PRO A 186 -10.17 22.32 -15.49
N LEU A 187 -9.51 23.09 -14.65
CA LEU A 187 -8.14 23.44 -15.01
C LEU A 187 -7.17 22.26 -14.73
N VAL A 188 -7.60 21.28 -13.93
CA VAL A 188 -6.74 20.13 -13.65
C VAL A 188 -6.77 19.23 -14.89
N LYS A 189 -5.74 19.37 -15.73
CA LYS A 189 -5.76 18.64 -16.97
C LYS A 189 -5.00 17.32 -16.89
N PHE A 190 -4.16 17.14 -15.90
CA PHE A 190 -3.54 15.82 -15.76
C PHE A 190 -3.47 15.41 -14.28
N VAL A 191 -3.43 14.09 -14.07
CA VAL A 191 -3.38 13.50 -12.74
C VAL A 191 -2.28 12.41 -12.72
N THR A 192 -1.25 12.70 -11.88
CA THR A 192 -0.16 11.78 -11.65
C THR A 192 -0.41 10.85 -10.47
N CYS A 193 -0.48 9.57 -10.84
CA CYS A 193 -0.68 8.48 -9.96
C CYS A 193 0.53 7.53 -10.10
N VAL A 194 1.36 7.29 -9.06
CA VAL A 194 1.11 7.71 -7.69
C VAL A 194 2.38 8.22 -7.04
N ASN A 195 2.16 8.93 -5.94
CA ASN A 195 3.22 9.28 -4.95
C ASN A 195 3.58 8.02 -4.19
N SER A 196 4.58 8.06 -3.33
CA SER A 196 4.94 6.83 -2.60
C SER A 196 3.83 6.25 -1.78
N VAL A 197 3.95 4.93 -1.53
CA VAL A 197 3.17 4.23 -0.55
C VAL A 197 3.59 4.59 0.90
N GLY A 198 2.68 5.33 1.56
CA GLY A 198 2.99 6.02 2.78
C GLY A 198 3.36 5.17 3.97
N ASN A 199 4.30 5.67 4.78
CA ASN A 199 4.61 5.12 6.07
C ASN A 199 4.81 3.61 6.13
N GLY A 200 5.63 3.10 5.23
CA GLY A 200 6.22 1.77 5.32
C GLY A 200 7.35 1.73 6.35
N LEU A 201 7.83 0.53 6.73
CA LEU A 201 8.91 0.39 7.69
C LEU A 201 9.87 -0.74 7.21
N VAL A 202 11.05 -0.38 6.78
CA VAL A 202 12.10 -1.40 6.48
C VAL A 202 12.99 -1.64 7.68
N ILE A 203 13.16 -2.91 8.02
CA ILE A 203 14.03 -3.33 9.14
C ILE A 203 15.15 -4.23 8.62
N ASP A 204 16.36 -3.90 9.01
CA ASP A 204 17.54 -4.65 8.62
C ASP A 204 17.73 -5.78 9.65
N ALA A 205 17.60 -7.06 9.28
CA ALA A 205 17.72 -8.19 10.20
C ALA A 205 19.04 -8.26 10.97
N GLU A 206 20.16 -8.02 10.31
CA GLU A 206 21.47 -8.18 10.94
C GLU A 206 21.65 -7.20 12.09
N SER A 207 21.37 -5.93 11.86
CA SER A 207 21.61 -4.92 12.86
C SER A 207 20.38 -4.69 13.75
N GLU A 208 19.27 -5.35 13.42
CA GLU A 208 18.02 -5.18 14.17
C GLU A 208 17.49 -3.76 14.25
N SER A 209 17.72 -3.00 13.18
CA SER A 209 17.49 -1.58 13.14
C SER A 209 16.70 -1.15 11.89
N VAL A 210 15.80 -0.20 12.06
CA VAL A 210 15.32 0.58 10.94
C VAL A 210 16.50 1.20 10.15
N VAL A 211 16.23 1.57 8.89
CA VAL A 211 17.27 2.02 7.95
C VAL A 211 17.30 3.51 7.64
N ILE A 212 16.25 4.22 8.04
CA ILE A 212 16.27 5.66 7.94
C ILE A 212 16.03 6.30 9.30
N LYS A 213 16.63 7.46 9.51
CA LYS A 213 16.64 8.13 10.78
C LYS A 213 15.34 8.86 11.17
N PRO A 214 14.70 9.62 10.25
CA PRO A 214 13.50 10.39 10.64
C PRO A 214 12.31 9.50 10.95
N LYS A 215 11.34 9.99 11.73
CA LYS A 215 10.12 9.25 11.96
C LYS A 215 10.27 7.79 12.47
N GLN A 216 11.26 7.55 13.29
CA GLN A 216 11.46 6.21 13.84
C GLN A 216 11.54 5.17 12.72
N GLY A 217 11.99 5.61 11.54
CA GLY A 217 12.22 4.71 10.42
C GLY A 217 11.09 4.56 9.44
N PHE A 218 9.95 5.27 9.68
CA PHE A 218 8.76 5.19 8.88
C PHE A 218 8.97 6.09 7.66
N GLY A 219 8.68 5.58 6.49
CA GLY A 219 8.74 6.42 5.32
C GLY A 219 8.06 5.89 4.11
N GLY A 220 8.01 6.73 3.05
CA GLY A 220 7.35 6.30 1.86
C GLY A 220 8.08 5.25 1.04
N LEU A 221 7.28 4.39 0.44
CA LEU A 221 7.81 3.25 -0.31
C LEU A 221 7.68 3.49 -1.79
N GLY A 222 8.69 3.13 -2.52
CA GLY A 222 8.66 3.17 -3.95
C GLY A 222 9.32 1.90 -4.51
N GLY A 223 9.17 1.70 -5.82
CA GLY A 223 9.85 0.64 -6.51
C GLY A 223 8.96 -0.56 -6.70
N LYS A 224 9.61 -1.73 -6.79
CA LYS A 224 8.89 -2.93 -7.16
C LYS A 224 7.74 -3.28 -6.19
N TYR A 225 7.85 -2.86 -4.93
CA TYR A 225 6.78 -3.05 -3.96
C TYR A 225 5.45 -2.45 -4.44
N ILE A 226 5.46 -1.44 -5.29
CA ILE A 226 4.26 -0.63 -5.42
C ILE A 226 3.61 -0.62 -6.82
N LEU A 227 4.15 -1.44 -7.70
CA LEU A 227 3.68 -1.44 -9.10
C LEU A 227 2.19 -1.79 -9.21
N PRO A 228 1.73 -2.89 -8.59
CA PRO A 228 0.30 -3.20 -8.74
C PRO A 228 -0.61 -2.12 -8.15
N THR A 229 -0.16 -1.50 -7.08
CA THR A 229 -0.88 -0.41 -6.43
C THR A 229 -0.86 0.79 -7.41
N ALA A 230 0.28 1.04 -8.08
CA ALA A 230 0.40 2.21 -9.02
C ALA A 230 -0.51 1.92 -10.24
N LEU A 231 -0.53 0.67 -10.74
CA LEU A 231 -1.36 0.32 -11.89
C LEU A 231 -2.84 0.49 -11.54
N ALA A 232 -3.21 0.10 -10.35
CA ALA A 232 -4.62 0.23 -10.00
C ALA A 232 -5.05 1.69 -9.93
N ASN A 233 -4.17 2.58 -9.42
CA ASN A 233 -4.53 3.98 -9.28
C ASN A 233 -4.62 4.65 -10.67
N VAL A 234 -3.67 4.31 -11.55
CA VAL A 234 -3.66 4.83 -12.89
C VAL A 234 -5.01 4.43 -13.56
N ASN A 235 -5.37 3.19 -13.45
CA ASN A 235 -6.58 2.76 -14.16
C ASN A 235 -7.80 3.32 -13.49
N ALA A 236 -7.83 3.35 -12.16
CA ALA A 236 -9.00 3.90 -11.45
C ALA A 236 -9.37 5.32 -11.90
N PHE A 237 -8.33 6.18 -12.01
CA PHE A 237 -8.52 7.55 -12.40
C PHE A 237 -8.72 7.69 -13.90
N TYR A 238 -8.07 6.85 -14.70
CA TYR A 238 -8.26 6.87 -16.14
C TYR A 238 -9.67 6.58 -16.43
N ARG A 239 -10.28 5.64 -15.68
CA ARG A 239 -11.67 5.24 -15.93
C ARG A 239 -12.67 6.29 -15.37
N ARG A 240 -12.29 7.00 -14.33
CA ARG A 240 -13.20 7.97 -13.69
C ARG A 240 -13.01 9.36 -14.16
N CYS A 241 -11.88 9.66 -14.84
CA CYS A 241 -11.66 11.04 -15.30
C CYS A 241 -11.47 11.11 -16.81
N PRO A 242 -12.57 10.90 -17.58
CA PRO A 242 -12.38 10.81 -19.02
C PRO A 242 -11.91 12.09 -19.66
N ASP A 243 -12.16 13.21 -19.03
CA ASP A 243 -11.74 14.46 -19.59
C ASP A 243 -10.33 14.88 -19.19
N LYS A 244 -9.59 14.06 -18.44
CA LYS A 244 -8.26 14.44 -18.01
C LYS A 244 -7.25 13.42 -18.50
N LEU A 245 -5.99 13.80 -18.45
CA LEU A 245 -4.86 12.88 -18.75
C LEU A 245 -4.42 12.22 -17.44
N VAL A 246 -3.86 11.00 -17.48
CA VAL A 246 -3.30 10.37 -16.28
C VAL A 246 -1.84 10.08 -16.62
N PHE A 247 -0.95 10.54 -15.74
CA PHE A 247 0.47 10.21 -15.83
C PHE A 247 0.71 9.08 -14.84
N GLY A 248 1.49 8.10 -15.26
CA GLY A 248 1.78 6.97 -14.41
C GLY A 248 3.10 7.08 -13.69
N CYS A 249 3.14 6.54 -12.47
CA CYS A 249 4.35 6.68 -11.62
C CYS A 249 4.24 5.61 -10.60
N GLY A 250 5.22 4.69 -10.53
CA GLY A 250 5.34 3.76 -9.41
C GLY A 250 5.89 2.43 -9.96
N GLY A 251 7.00 1.99 -9.46
CA GLY A 251 7.55 0.69 -9.91
C GLY A 251 7.98 0.49 -11.35
N VAL A 252 8.32 1.53 -12.11
CA VAL A 252 8.83 1.35 -13.48
C VAL A 252 10.35 1.10 -13.42
N TYR A 253 10.72 -0.14 -13.76
CA TYR A 253 12.14 -0.48 -14.00
C TYR A 253 12.48 -0.88 -15.46
N SER A 254 11.46 -1.16 -16.25
CA SER A 254 11.59 -1.82 -17.52
C SER A 254 10.57 -1.26 -18.51
N GLY A 255 10.81 -1.48 -19.78
CA GLY A 255 9.81 -1.04 -20.76
C GLY A 255 8.54 -1.87 -20.63
N GLU A 256 8.65 -3.10 -20.13
CA GLU A 256 7.44 -3.90 -19.90
C GLU A 256 6.63 -3.23 -18.81
N ASP A 257 7.29 -2.73 -17.74
CA ASP A 257 6.52 -2.00 -16.65
C ASP A 257 5.85 -0.73 -17.17
N ALA A 258 6.53 -0.01 -18.05
CA ALA A 258 5.97 1.19 -18.70
C ALA A 258 4.80 0.78 -19.61
N PHE A 259 4.99 -0.33 -20.33
CA PHE A 259 3.88 -0.91 -21.12
C PHE A 259 2.57 -1.18 -20.37
N LEU A 260 2.71 -1.69 -19.14
CA LEU A 260 1.57 -1.95 -18.30
C LEU A 260 0.93 -0.67 -17.83
N HIS A 261 1.76 0.30 -17.47
CA HIS A 261 1.23 1.57 -17.09
C HIS A 261 0.39 2.17 -18.21
N ILE A 262 0.92 2.12 -19.44
CA ILE A 262 0.26 2.73 -20.56
C ILE A 262 -1.04 1.93 -20.89
N LEU A 263 -1.03 0.60 -20.84
CA LEU A 263 -2.31 -0.18 -20.96
C LEU A 263 -3.35 0.18 -19.90
N ALA A 264 -2.87 0.51 -18.71
CA ALA A 264 -3.78 0.96 -17.63
C ALA A 264 -4.33 2.33 -17.91
N GLY A 265 -3.69 3.06 -18.82
CA GLY A 265 -4.11 4.40 -19.20
C GLY A 265 -3.12 5.57 -19.05
N ALA A 266 -1.86 5.30 -18.71
CA ALA A 266 -0.88 6.33 -18.57
C ALA A 266 -0.52 7.07 -19.90
N SER A 267 -0.40 8.41 -19.83
CA SER A 267 0.09 9.20 -20.97
C SER A 267 1.60 9.56 -20.92
N MET A 268 2.06 10.14 -19.81
CA MET A 268 3.44 10.14 -19.43
C MET A 268 3.70 9.03 -18.37
N VAL A 269 4.96 8.59 -18.31
CA VAL A 269 5.37 7.55 -17.42
C VAL A 269 6.60 8.04 -16.66
N GLN A 270 6.46 8.23 -15.35
CA GLN A 270 7.55 8.77 -14.51
C GLN A 270 8.38 7.64 -13.86
N VAL A 271 9.64 7.94 -13.57
CA VAL A 271 10.61 6.96 -13.05
C VAL A 271 11.31 7.60 -11.88
N GLY A 272 11.05 7.08 -10.68
CA GLY A 272 11.66 7.46 -9.41
C GLY A 272 12.75 6.48 -9.04
N THR A 273 12.43 5.51 -8.19
CA THR A 273 13.44 4.65 -7.51
C THR A 273 14.43 4.12 -8.53
N ALA A 274 13.92 3.70 -9.68
CA ALA A 274 14.77 2.95 -10.69
C ALA A 274 15.78 3.89 -11.29
N LEU A 275 15.34 5.14 -11.42
CA LEU A 275 16.22 6.20 -11.91
C LEU A 275 17.30 6.65 -10.88
N GLN A 276 16.89 6.84 -9.59
CA GLN A 276 17.83 7.04 -8.50
C GLN A 276 19.01 6.01 -8.45
N GLU A 277 18.59 4.74 -8.55
CA GLU A 277 19.48 3.57 -8.57
C GLU A 277 20.36 3.35 -9.80
N GLU A 278 19.77 3.53 -10.99
CA GLU A 278 20.46 3.21 -12.21
C GLU A 278 21.06 4.42 -12.90
N GLY A 279 20.46 5.58 -12.69
CA GLY A 279 20.95 6.81 -13.30
C GLY A 279 20.26 7.08 -14.64
N PRO A 280 20.54 8.22 -15.24
CA PRO A 280 19.72 8.64 -16.41
C PRO A 280 19.92 7.85 -17.70
N GLY A 281 20.91 6.95 -17.79
CA GLY A 281 21.05 6.02 -18.94
C GLY A 281 19.83 5.11 -19.03
N ILE A 282 19.05 5.08 -17.96
CA ILE A 282 17.89 4.20 -17.92
C ILE A 282 16.88 4.55 -19.03
N PHE A 283 16.76 5.82 -19.36
CA PHE A 283 15.82 6.25 -20.33
C PHE A 283 16.07 5.66 -21.73
N THR A 284 17.32 5.49 -22.13
CA THR A 284 17.52 4.81 -23.44
C THR A 284 17.09 3.33 -23.37
N ARG A 285 17.32 2.71 -22.22
CA ARG A 285 16.97 1.31 -22.05
C ARG A 285 15.48 1.13 -22.08
N LEU A 286 14.79 1.97 -21.34
CA LEU A 286 13.36 1.95 -21.31
C LEU A 286 12.74 2.19 -22.70
N GLU A 287 13.25 3.14 -23.42
CA GLU A 287 12.73 3.40 -24.78
C GLU A 287 12.92 2.21 -25.70
N ASP A 288 14.13 1.66 -25.69
CA ASP A 288 14.42 0.46 -26.51
C ASP A 288 13.54 -0.67 -26.10
N GLU A 289 13.37 -0.84 -24.78
CA GLU A 289 12.60 -1.99 -24.31
C GLU A 289 11.13 -1.90 -24.74
N LEU A 290 10.52 -0.72 -24.56
CA LEU A 290 9.14 -0.54 -24.91
C LEU A 290 8.96 -0.69 -26.47
N LEU A 291 9.86 -0.13 -27.25
CA LEU A 291 9.77 -0.28 -28.68
C LEU A 291 9.88 -1.73 -29.12
N GLU A 292 10.66 -2.54 -28.42
CA GLU A 292 10.77 -3.94 -28.76
C GLU A 292 9.47 -4.66 -28.50
N ILE A 293 8.83 -4.30 -27.39
CA ILE A 293 7.51 -4.86 -27.05
C ILE A 293 6.44 -4.46 -28.08
N MET A 294 6.42 -3.19 -28.42
CA MET A 294 5.54 -2.70 -29.44
C MET A 294 5.73 -3.41 -30.77
N ALA A 295 6.97 -3.60 -31.19
CA ALA A 295 7.28 -4.32 -32.45
C ALA A 295 6.80 -5.77 -32.47
N ARG A 296 7.07 -6.51 -31.39
CA ARG A 296 6.57 -7.90 -31.25
C ARG A 296 5.04 -7.97 -31.41
N LYS A 297 4.35 -6.98 -30.87
CA LYS A 297 2.90 -6.92 -30.87
C LYS A 297 2.33 -6.22 -32.09
N GLY A 298 3.16 -5.65 -32.93
CA GLY A 298 2.63 -4.90 -34.09
C GLY A 298 1.97 -3.56 -33.74
N TYR A 299 2.29 -2.94 -32.61
CA TYR A 299 1.75 -1.58 -32.28
C TYR A 299 2.71 -0.54 -32.83
N ARG A 300 2.24 0.45 -33.58
CA ARG A 300 3.16 1.49 -34.15
C ARG A 300 3.22 2.80 -33.35
N THR A 301 2.20 3.02 -32.55
CA THR A 301 2.09 4.17 -31.67
C THR A 301 1.46 3.85 -30.27
N LEU A 302 1.68 4.77 -29.33
CA LEU A 302 1.21 4.58 -27.93
C LEU A 302 -0.30 4.53 -27.87
N GLU A 303 -0.97 5.29 -28.73
CA GLU A 303 -2.43 5.45 -28.64
C GLU A 303 -3.14 4.18 -29.08
N GLU A 304 -2.47 3.31 -29.83
CA GLU A 304 -3.04 2.05 -30.17
C GLU A 304 -3.29 1.15 -28.98
N PHE A 305 -2.56 1.32 -27.87
CA PHE A 305 -2.81 0.45 -26.68
C PHE A 305 -3.03 1.21 -25.37
N ARG A 306 -2.90 2.55 -25.35
CA ARG A 306 -3.13 3.28 -24.11
C ARG A 306 -4.56 3.05 -23.62
N GLY A 307 -4.68 2.62 -22.36
CA GLY A 307 -5.96 2.46 -21.73
C GLY A 307 -6.67 1.19 -22.19
N ARG A 308 -6.00 0.31 -22.91
CA ARG A 308 -6.73 -0.77 -23.53
C ARG A 308 -6.57 -2.10 -22.78
N VAL A 309 -6.26 -2.01 -21.49
CA VAL A 309 -6.14 -3.17 -20.68
C VAL A 309 -7.48 -3.94 -20.77
N LYS A 310 -7.37 -5.25 -20.93
CA LYS A 310 -8.57 -6.07 -21.12
C LYS A 310 -8.99 -6.55 -19.77
N THR A 311 -10.26 -6.75 -19.55
CA THR A 311 -10.73 -7.43 -18.38
C THR A 311 -11.31 -8.78 -18.79
N ILE A 312 -11.61 -9.59 -17.78
CA ILE A 312 -12.00 -10.94 -18.02
C ILE A 312 -13.53 -11.03 -18.05
N GLU A 313 -14.01 -11.54 -19.19
CA GLU A 313 -15.39 -12.01 -19.48
C GLU A 313 -16.48 -11.65 -18.49
N MET B 1 16.54 -25.81 22.77
CA MET B 1 15.70 -24.58 22.54
C MET B 1 14.40 -24.85 21.78
N CYS B 2 13.30 -24.35 22.33
CA CYS B 2 11.99 -24.44 21.72
C CYS B 2 11.34 -23.06 21.77
N LEU B 3 10.44 -22.82 20.80
CA LEU B 3 9.81 -21.51 20.53
C LEU B 3 8.49 -21.37 21.22
N LYS B 4 8.25 -22.16 22.27
CA LYS B 4 6.99 -22.16 22.98
C LYS B 4 6.63 -20.78 23.54
N LEU B 5 5.32 -20.46 23.59
CA LEU B 5 4.79 -19.31 24.26
C LEU B 5 3.34 -19.44 24.80
N ASN B 6 2.95 -18.52 25.67
CA ASN B 6 1.65 -18.47 26.27
C ASN B 6 1.10 -17.12 26.10
N LEU B 7 -0.16 -17.05 25.68
CA LEU B 7 -0.88 -15.80 25.65
C LEU B 7 -2.34 -16.03 25.47
N LEU B 8 -3.11 -15.01 25.78
CA LEU B 8 -4.55 -15.14 25.87
C LEU B 8 -4.95 -16.39 26.65
N ASP B 9 -4.22 -16.74 27.68
CA ASP B 9 -4.52 -17.93 28.51
C ASP B 9 -4.46 -19.23 27.71
N HIS B 10 -3.68 -19.25 26.65
CA HIS B 10 -3.43 -20.48 25.90
C HIS B 10 -1.95 -20.68 25.65
N VAL B 11 -1.58 -21.92 25.44
CA VAL B 11 -0.20 -22.29 25.21
C VAL B 11 0.03 -22.56 23.75
N PHE B 12 1.12 -22.03 23.19
CA PHE B 12 1.43 -22.30 21.79
C PHE B 12 2.82 -22.89 21.63
N ALA B 13 2.96 -23.93 20.82
CA ALA B 13 4.27 -24.57 20.53
C ALA B 13 5.23 -23.61 19.83
N ASN B 14 4.68 -22.66 19.10
CA ASN B 14 5.48 -21.70 18.39
C ASN B 14 4.57 -20.57 17.95
N PRO B 15 5.16 -19.47 17.47
CA PRO B 15 4.30 -18.35 17.12
C PRO B 15 3.66 -18.34 15.68
N PHE B 16 3.80 -19.41 14.93
CA PHE B 16 3.27 -19.48 13.56
C PHE B 16 1.80 -19.99 13.46
N MET B 17 1.05 -19.37 12.54
CA MET B 17 -0.28 -19.87 12.17
C MET B 17 -0.58 -19.46 10.74
N ASN B 18 -1.57 -20.06 10.10
CA ASN B 18 -2.04 -19.63 8.82
C ASN B 18 -2.65 -18.27 8.97
N ALA B 19 -2.66 -17.50 7.90
CA ALA B 19 -3.56 -16.31 7.88
C ALA B 19 -4.97 -16.68 7.55
N ALA B 20 -5.97 -15.97 8.12
CA ALA B 20 -7.30 -16.27 7.73
C ALA B 20 -7.51 -16.26 6.20
N GLY B 21 -8.31 -17.19 5.73
CA GLY B 21 -8.58 -17.34 4.33
C GLY B 21 -7.70 -18.37 3.67
N VAL B 22 -6.50 -18.66 4.20
CA VAL B 22 -5.60 -19.58 3.49
C VAL B 22 -5.64 -20.93 4.18
N LEU B 23 -5.84 -22.00 3.42
CA LEU B 23 -5.88 -23.39 3.93
C LEU B 23 -6.77 -23.55 5.17
N CYS B 24 -7.96 -22.94 5.11
CA CYS B 24 -8.85 -22.92 6.29
C CYS B 24 -10.37 -22.95 6.05
N SER B 25 -10.82 -23.34 4.86
CA SER B 25 -12.21 -23.15 4.50
C SER B 25 -13.05 -24.40 4.70
N THR B 26 -12.46 -25.58 4.45
CA THR B 26 -13.22 -26.78 4.58
C THR B 26 -12.73 -27.60 5.77
N GLU B 27 -13.43 -28.66 6.11
CA GLU B 27 -13.03 -29.55 7.20
C GLU B 27 -11.67 -30.15 6.89
N GLU B 28 -11.46 -30.48 5.65
CA GLU B 28 -10.17 -31.03 5.19
C GLU B 28 -9.00 -30.08 5.42
N ASP B 29 -9.20 -28.84 5.01
CA ASP B 29 -8.18 -27.78 5.21
C ASP B 29 -7.73 -27.67 6.70
N LEU B 30 -8.74 -27.49 7.54
CA LEU B 30 -8.62 -27.31 8.97
C LEU B 30 -7.92 -28.46 9.65
N ARG B 31 -8.28 -29.68 9.24
CA ARG B 31 -7.55 -30.85 9.70
C ARG B 31 -6.13 -30.86 9.21
N CYS B 32 -5.88 -30.39 8.00
CA CYS B 32 -4.52 -30.33 7.47
C CYS B 32 -3.70 -29.31 8.25
N MET B 33 -4.27 -28.12 8.54
CA MET B 33 -3.56 -27.15 9.39
C MET B 33 -3.33 -27.65 10.84
N THR B 34 -4.29 -28.37 11.36
CA THR B 34 -4.13 -29.02 12.66
C THR B 34 -2.98 -30.05 12.71
N ALA B 35 -2.81 -30.82 11.65
CA ALA B 35 -1.70 -31.81 11.53
C ALA B 35 -0.35 -31.19 11.24
N SER B 36 -0.35 -29.95 10.79
CA SER B 36 0.86 -29.21 10.57
C SER B 36 1.60 -28.89 11.86
N SER B 37 2.81 -28.36 11.67
CA SER B 37 3.68 -27.97 12.76
C SER B 37 3.32 -26.59 13.26
N SER B 38 2.27 -26.01 12.71
CA SER B 38 1.88 -24.66 13.16
C SER B 38 1.57 -24.62 14.61
N GLY B 39 1.87 -23.50 15.24
CA GLY B 39 1.47 -23.23 16.61
C GLY B 39 -0.02 -23.08 16.86
N ALA B 40 -0.79 -22.66 15.87
CA ALA B 40 -2.23 -22.35 15.96
C ALA B 40 -2.76 -22.40 14.50
N LEU B 41 -4.09 -22.25 14.39
CA LEU B 41 -4.75 -22.10 13.15
C LEU B 41 -5.96 -21.15 13.37
N VAL B 42 -6.38 -20.50 12.28
CA VAL B 42 -7.60 -19.71 12.22
C VAL B 42 -8.45 -20.21 11.05
N SER B 43 -9.77 -20.33 11.27
CA SER B 43 -10.70 -20.67 10.22
C SER B 43 -10.87 -19.54 9.22
N LYS B 44 -11.46 -19.85 8.06
CA LYS B 44 -11.82 -18.88 7.02
C LYS B 44 -12.87 -17.88 7.58
N SER B 45 -12.74 -16.60 7.26
CA SER B 45 -13.70 -15.59 7.76
C SER B 45 -15.10 -16.05 7.34
N CYS B 46 -16.06 -15.98 8.23
CA CYS B 46 -17.38 -16.49 7.86
C CYS B 46 -18.55 -15.51 8.02
N THR B 47 -19.60 -15.86 7.33
CA THR B 47 -20.84 -15.12 7.34
C THR B 47 -21.90 -16.10 7.82
N SER B 48 -23.06 -15.57 8.24
CA SER B 48 -24.12 -16.40 8.75
C SER B 48 -24.52 -17.46 7.75
N ALA B 49 -24.65 -17.12 6.49
CA ALA B 49 -25.03 -18.11 5.49
C ALA B 49 -23.78 -18.43 4.67
N PRO B 50 -23.73 -19.64 4.08
CA PRO B 50 -22.59 -20.08 3.23
C PRO B 50 -22.57 -19.21 1.99
N ARG B 51 -21.39 -19.03 1.37
CA ARG B 51 -21.21 -18.16 0.26
C ARG B 51 -20.38 -18.86 -0.77
N ASP B 52 -20.80 -18.76 -2.04
CA ASP B 52 -19.94 -19.25 -3.15
C ASP B 52 -18.75 -18.33 -3.45
N GLY B 53 -18.86 -17.05 -3.12
CA GLY B 53 -17.76 -16.13 -3.46
C GLY B 53 -17.89 -15.64 -4.88
N ASN B 54 -16.82 -15.02 -5.34
CA ASN B 54 -16.79 -14.35 -6.63
C ASN B 54 -16.39 -15.29 -7.71
N PRO B 55 -16.68 -14.91 -8.98
CA PRO B 55 -16.29 -15.67 -10.16
C PRO B 55 -14.81 -15.99 -10.23
N GLU B 56 -14.44 -17.18 -10.70
CA GLU B 56 -13.04 -17.54 -10.96
C GLU B 56 -12.60 -17.09 -12.35
N PRO B 57 -11.27 -16.81 -12.58
CA PRO B 57 -10.16 -16.82 -11.60
C PRO B 57 -10.26 -15.65 -10.59
N ARG B 58 -10.00 -15.93 -9.30
CA ARG B 58 -10.16 -14.94 -8.21
C ARG B 58 -8.91 -14.79 -7.32
N TYR B 59 -7.92 -15.64 -7.54
CA TYR B 59 -6.65 -15.58 -6.87
C TYR B 59 -5.56 -15.91 -7.87
N MET B 60 -4.48 -15.16 -7.83
CA MET B 60 -3.30 -15.50 -8.65
C MET B 60 -2.10 -15.10 -7.87
N ALA B 61 -1.05 -15.88 -8.02
CA ALA B 61 0.22 -15.61 -7.37
C ALA B 61 1.36 -15.55 -8.35
N PHE B 62 2.39 -14.82 -7.96
CA PHE B 62 3.55 -14.51 -8.78
C PHE B 62 4.75 -14.40 -7.90
N PRO B 63 5.94 -14.26 -8.50
CA PRO B 63 7.15 -14.22 -7.66
C PRO B 63 7.09 -13.25 -6.54
N LEU B 64 6.53 -12.05 -6.73
CA LEU B 64 6.52 -11.09 -5.63
C LEU B 64 5.25 -11.09 -4.73
N GLY B 65 4.28 -11.92 -5.02
CA GLY B 65 3.13 -11.98 -4.16
C GLY B 65 1.89 -12.49 -4.84
N SER B 66 0.73 -12.06 -4.33
CA SER B 66 -0.57 -12.56 -4.75
C SER B 66 -1.56 -11.43 -4.84
N ILE B 67 -2.59 -11.67 -5.64
CA ILE B 67 -3.75 -10.76 -5.67
C ILE B 67 -5.00 -11.68 -5.58
N ASN B 68 -6.02 -11.23 -4.86
CA ASN B 68 -7.27 -11.96 -4.72
C ASN B 68 -8.45 -11.06 -4.55
N SER B 69 -9.58 -11.53 -5.09
CA SER B 69 -10.85 -10.95 -4.77
C SER B 69 -11.68 -12.23 -4.62
N MET B 70 -11.49 -12.94 -3.52
CA MET B 70 -12.14 -14.25 -3.39
C MET B 70 -13.66 -13.98 -3.26
N GLY B 71 -14.00 -12.94 -2.51
CA GLY B 71 -15.41 -12.67 -2.24
C GLY B 71 -16.04 -13.45 -1.10
N LEU B 72 -15.24 -13.81 -0.08
CA LEU B 72 -15.70 -14.41 1.15
C LEU B 72 -16.50 -15.70 0.88
N PRO B 73 -15.98 -16.55 0.00
CA PRO B 73 -16.49 -17.92 -0.09
C PRO B 73 -16.23 -18.65 1.25
N ASN B 74 -17.26 -19.24 1.85
CA ASN B 74 -17.10 -19.98 3.10
C ASN B 74 -18.27 -20.92 3.28
N LEU B 75 -18.15 -21.90 4.18
CA LEU B 75 -19.20 -22.87 4.41
C LEU B 75 -20.32 -22.37 5.35
N GLY B 76 -20.17 -21.16 5.87
CA GLY B 76 -21.07 -20.55 6.77
C GLY B 76 -20.76 -20.80 8.22
N PHE B 77 -21.28 -19.93 9.03
CA PHE B 77 -21.00 -19.88 10.44
C PHE B 77 -21.37 -21.14 11.18
N ASP B 78 -22.54 -21.77 10.86
CA ASP B 78 -22.88 -23.00 11.55
C ASP B 78 -21.76 -24.05 11.41
N PHE B 79 -21.13 -24.10 10.25
CA PHE B 79 -20.06 -25.09 10.00
C PHE B 79 -18.85 -24.81 10.85
N TYR B 80 -18.37 -23.56 10.89
CA TYR B 80 -17.17 -23.26 11.66
C TYR B 80 -17.40 -23.41 13.16
N LEU B 81 -18.57 -22.98 13.61
CA LEU B 81 -18.95 -23.22 15.00
C LEU B 81 -18.92 -24.71 15.41
N LYS B 82 -19.50 -25.57 14.59
CA LYS B 82 -19.49 -27.00 14.81
C LYS B 82 -18.09 -27.56 14.76
N TYR B 83 -17.24 -27.02 13.89
CA TYR B 83 -15.82 -27.45 13.89
C TYR B 83 -15.14 -27.10 15.25
N ALA B 84 -15.43 -25.91 15.73
CA ALA B 84 -14.88 -25.39 17.00
C ALA B 84 -15.43 -26.18 18.22
N SER B 85 -16.69 -26.60 18.09
CA SER B 85 -17.42 -27.19 19.19
C SER B 85 -17.24 -28.69 19.30
N ASP B 86 -17.29 -29.39 18.17
CA ASP B 86 -17.29 -30.88 18.11
C ASP B 86 -16.08 -31.55 17.45
N LEU B 87 -15.33 -30.85 16.57
CA LEU B 87 -14.38 -31.52 15.64
C LEU B 87 -12.88 -31.22 15.93
N HIS B 88 -12.59 -30.00 16.32
CA HIS B 88 -11.21 -29.64 16.58
C HIS B 88 -10.65 -30.32 17.80
N ASP B 89 -9.42 -30.79 17.68
CA ASP B 89 -8.68 -31.31 18.81
C ASP B 89 -7.84 -30.23 19.48
N TYR B 90 -8.33 -29.73 20.61
CA TYR B 90 -7.66 -28.64 21.28
C TYR B 90 -6.37 -29.08 21.95
N SER B 91 -6.16 -30.39 22.11
CA SER B 91 -4.91 -30.90 22.62
C SER B 91 -3.79 -30.68 21.63
N LYS B 92 -4.13 -30.52 20.36
CA LYS B 92 -3.14 -30.33 19.27
C LYS B 92 -2.61 -28.88 19.19
N LYS B 93 -3.53 -27.91 19.20
CA LYS B 93 -3.17 -26.46 19.20
C LYS B 93 -4.43 -25.64 19.36
N PRO B 94 -4.30 -24.38 19.72
CA PRO B 94 -5.44 -23.49 19.79
C PRO B 94 -6.03 -23.17 18.42
N LEU B 95 -7.29 -22.78 18.46
CA LEU B 95 -8.02 -22.42 17.33
C LEU B 95 -8.57 -21.05 17.52
N PHE B 96 -8.43 -20.26 16.46
CA PHE B 96 -9.10 -18.97 16.32
C PHE B 96 -10.19 -19.14 15.32
N LEU B 97 -11.31 -18.43 15.50
CA LEU B 97 -12.34 -18.43 14.54
C LEU B 97 -12.48 -17.00 14.01
N SER B 98 -12.38 -16.83 12.68
CA SER B 98 -12.65 -15.53 12.08
C SER B 98 -14.14 -15.31 11.63
N ILE B 99 -14.68 -14.21 12.07
CA ILE B 99 -16.01 -13.75 11.78
C ILE B 99 -15.91 -12.53 10.88
N SER B 100 -16.62 -12.52 9.77
CA SER B 100 -16.63 -11.40 8.85
C SER B 100 -18.02 -11.12 8.30
N GLY B 101 -18.95 -10.80 9.20
CA GLY B 101 -20.34 -10.51 8.78
C GLY B 101 -20.36 -9.26 7.96
N LEU B 102 -21.37 -9.13 7.09
CA LEU B 102 -21.52 -7.99 6.19
C LEU B 102 -22.35 -6.84 6.77
N SER B 103 -22.84 -7.00 7.97
CA SER B 103 -23.34 -5.89 8.72
C SER B 103 -22.95 -6.06 10.15
N VAL B 104 -23.09 -4.99 10.92
CA VAL B 104 -22.96 -5.13 12.36
C VAL B 104 -23.95 -6.14 12.97
N GLU B 105 -25.18 -6.22 12.43
CA GLU B 105 -26.18 -7.14 13.01
C GLU B 105 -25.84 -8.59 12.79
N GLU B 106 -25.28 -8.86 11.63
CA GLU B 106 -24.75 -10.18 11.30
C GLU B 106 -23.68 -10.61 12.31
N ASN B 107 -22.71 -9.72 12.61
CA ASN B 107 -21.62 -10.04 13.54
C ASN B 107 -22.10 -10.26 14.97
N VAL B 108 -23.05 -9.44 15.42
CA VAL B 108 -23.61 -9.62 16.76
C VAL B 108 -24.33 -10.98 16.86
N ALA B 109 -25.09 -11.38 15.84
CA ALA B 109 -25.83 -12.66 15.93
C ALA B 109 -24.86 -13.85 15.93
N MET B 110 -23.80 -13.76 15.15
CA MET B 110 -22.76 -14.78 15.21
C MET B 110 -21.99 -14.80 16.55
N VAL B 111 -21.45 -13.69 17.04
CA VAL B 111 -20.71 -13.75 18.31
C VAL B 111 -21.53 -14.20 19.56
N ARG B 112 -22.83 -13.85 19.59
CA ARG B 112 -23.71 -14.31 20.70
C ARG B 112 -23.68 -15.81 20.77
N ARG B 113 -23.71 -16.46 19.61
CA ARG B 113 -23.73 -17.94 19.54
C ARG B 113 -22.35 -18.54 19.77
N LEU B 114 -21.29 -17.80 19.38
CA LEU B 114 -19.93 -18.22 19.61
C LEU B 114 -19.57 -18.18 21.09
N ALA B 115 -20.07 -17.20 21.86
CA ALA B 115 -19.60 -17.00 23.23
C ALA B 115 -19.58 -18.26 24.14
N PRO B 116 -20.67 -19.06 24.15
CA PRO B 116 -20.68 -20.25 25.00
C PRO B 116 -19.64 -21.29 24.60
N VAL B 117 -19.41 -21.45 23.31
CA VAL B 117 -18.34 -22.37 22.84
C VAL B 117 -16.94 -21.84 23.19
N ALA B 118 -16.72 -20.55 22.99
CA ALA B 118 -15.50 -19.90 23.53
C ALA B 118 -15.30 -20.18 25.00
N GLN B 119 -16.36 -19.96 25.80
CA GLN B 119 -16.28 -20.23 27.24
C GLN B 119 -15.94 -21.68 27.47
N GLU B 120 -16.67 -22.57 26.83
CA GLU B 120 -16.56 -24.00 27.10
C GLU B 120 -15.26 -24.59 26.55
N LYS B 121 -14.89 -24.23 25.32
CA LYS B 121 -13.80 -24.92 24.60
C LYS B 121 -12.52 -24.15 24.42
N GLY B 122 -12.57 -22.84 24.62
CA GLY B 122 -11.37 -22.01 24.50
C GLY B 122 -11.05 -21.48 23.10
N VAL B 123 -11.92 -21.69 22.11
CA VAL B 123 -11.79 -21.06 20.77
C VAL B 123 -11.73 -19.53 20.86
N LEU B 124 -10.88 -18.92 20.07
CA LEU B 124 -10.58 -17.47 20.16
C LEU B 124 -11.20 -16.71 18.97
N LEU B 125 -11.88 -15.62 19.24
CA LEU B 125 -12.53 -14.81 18.19
C LEU B 125 -11.52 -13.84 17.56
N GLU B 126 -11.42 -13.86 16.21
CA GLU B 126 -10.74 -12.81 15.42
C GLU B 126 -11.83 -12.16 14.58
N LEU B 127 -12.17 -10.94 14.92
CA LEU B 127 -13.13 -10.17 14.14
C LEU B 127 -12.54 -9.42 12.96
N ASN B 128 -13.03 -9.72 11.78
CA ASN B 128 -12.48 -9.08 10.58
C ASN B 128 -13.12 -7.72 10.29
N LEU B 129 -12.35 -6.66 10.52
CA LEU B 129 -12.74 -5.25 10.27
C LEU B 129 -12.38 -4.71 8.90
N SER B 130 -11.59 -5.50 8.17
CA SER B 130 -11.21 -5.27 6.78
C SER B 130 -12.21 -5.96 5.90
N CYS B 131 -13.41 -5.45 5.96
CA CYS B 131 -14.52 -6.02 5.35
C CYS B 131 -15.45 -4.90 4.91
N PRO B 132 -16.09 -5.04 3.76
CA PRO B 132 -17.07 -4.01 3.40
C PRO B 132 -18.22 -3.98 4.42
N ASN B 133 -18.96 -2.87 4.46
CA ASN B 133 -20.25 -2.83 5.15
C ASN B 133 -21.44 -2.51 4.21
N VAL B 134 -21.47 -1.26 3.75
CA VAL B 134 -22.34 -0.79 2.69
C VAL B 134 -21.60 -0.47 1.35
N PRO B 135 -22.09 -0.97 0.23
CA PRO B 135 -21.57 -0.47 -1.06
C PRO B 135 -21.63 1.06 -1.12
N GLY B 136 -20.69 1.68 -1.82
CA GLY B 136 -20.63 3.16 -1.87
C GLY B 136 -19.74 3.77 -0.79
N LYS B 137 -19.59 3.09 0.34
CA LYS B 137 -18.79 3.63 1.44
C LYS B 137 -17.58 2.73 1.82
N PRO B 138 -16.61 3.28 2.57
CA PRO B 138 -15.31 2.58 2.77
C PRO B 138 -15.46 1.32 3.63
N GLN B 139 -14.50 0.40 3.54
CA GLN B 139 -14.57 -0.80 4.35
C GLN B 139 -14.57 -0.36 5.80
N VAL B 140 -14.96 -1.23 6.71
CA VAL B 140 -15.31 -0.75 8.08
C VAL B 140 -14.14 -0.07 8.79
N ALA B 141 -12.96 -0.64 8.59
CA ALA B 141 -11.81 -0.14 9.36
C ALA B 141 -11.29 1.19 8.87
N TYR B 142 -11.73 1.61 7.67
CA TYR B 142 -11.44 2.93 7.13
C TYR B 142 -12.56 3.95 7.40
N ASP B 143 -13.53 3.59 8.23
CA ASP B 143 -14.63 4.48 8.64
C ASP B 143 -14.73 4.35 10.16
N PHE B 144 -14.03 5.25 10.87
CA PHE B 144 -13.74 5.05 12.29
C PHE B 144 -15.01 5.13 13.12
N GLU B 145 -16.01 5.90 12.69
CA GLU B 145 -17.29 5.85 13.42
C GLU B 145 -17.97 4.46 13.26
N ALA B 146 -17.86 3.83 12.10
CA ALA B 146 -18.48 2.52 11.95
C ALA B 146 -17.68 1.48 12.71
N MET B 147 -16.35 1.59 12.68
CA MET B 147 -15.49 0.72 13.48
C MET B 147 -15.83 0.73 14.98
N ARG B 148 -15.98 1.95 15.53
CA ARG B 148 -16.41 2.10 16.93
C ARG B 148 -17.76 1.40 17.18
N THR B 149 -18.67 1.49 16.23
CA THR B 149 -19.98 0.83 16.41
C THR B 149 -19.88 -0.66 16.40
N TYR B 150 -19.12 -1.20 15.45
CA TYR B 150 -18.92 -2.62 15.46
C TYR B 150 -18.29 -3.12 16.77
N LEU B 151 -17.29 -2.41 17.31
CA LEU B 151 -16.59 -2.82 18.53
C LEU B 151 -17.49 -2.68 19.74
N GLN B 152 -18.32 -1.64 19.75
CA GLN B 152 -19.26 -1.45 20.88
C GLN B 152 -20.27 -2.57 20.91
N GLN B 153 -20.92 -2.81 19.80
CA GLN B 153 -21.96 -3.86 19.72
C GLN B 153 -21.45 -5.28 19.93
N VAL B 154 -20.34 -5.59 19.27
CA VAL B 154 -19.67 -6.85 19.48
C VAL B 154 -19.17 -7.06 20.90
N SER B 155 -18.55 -6.08 21.52
CA SER B 155 -18.04 -6.28 22.85
C SER B 155 -19.27 -6.59 23.72
N LEU B 156 -20.38 -5.89 23.49
CA LEU B 156 -21.59 -6.06 24.35
C LEU B 156 -22.16 -7.48 24.12
N ALA B 157 -22.30 -7.85 22.86
CA ALA B 157 -22.88 -9.16 22.54
C ALA B 157 -21.96 -10.33 22.90
N TYR B 158 -20.64 -10.19 22.79
CA TYR B 158 -19.74 -11.34 23.00
C TYR B 158 -19.33 -11.42 24.44
N GLY B 159 -18.90 -10.28 25.00
CA GLY B 159 -18.49 -10.18 26.41
C GLY B 159 -17.27 -10.98 26.86
N LEU B 160 -16.46 -11.53 25.94
CA LEU B 160 -15.19 -12.20 26.30
C LEU B 160 -14.06 -11.54 25.49
N PRO B 161 -12.79 -11.78 25.89
CA PRO B 161 -11.60 -11.27 25.14
C PRO B 161 -11.68 -11.70 23.69
N PHE B 162 -11.35 -10.78 22.76
CA PHE B 162 -11.24 -11.11 21.34
C PHE B 162 -10.22 -10.24 20.65
N GLY B 163 -10.05 -10.49 19.36
CA GLY B 163 -9.13 -9.72 18.55
C GLY B 163 -9.77 -9.21 17.28
N VAL B 164 -9.03 -8.29 16.63
CA VAL B 164 -9.48 -7.63 15.43
C VAL B 164 -8.43 -7.78 14.31
N LYS B 165 -8.87 -8.02 13.09
CA LYS B 165 -8.01 -8.08 11.91
C LYS B 165 -8.17 -6.73 11.22
N MET B 166 -7.06 -6.01 11.11
CA MET B 166 -6.99 -4.65 10.59
C MET B 166 -6.47 -4.59 9.13
N PRO B 167 -7.02 -3.66 8.31
CA PRO B 167 -6.42 -3.28 7.02
C PRO B 167 -5.13 -2.46 7.31
N PRO B 168 -4.14 -2.41 6.37
CA PRO B 168 -3.06 -1.46 6.57
C PRO B 168 -3.56 -0.04 6.51
N TYR B 169 -2.94 0.83 7.31
CA TYR B 169 -2.98 2.27 7.18
C TYR B 169 -1.65 2.84 6.71
N PHE B 170 -1.69 4.07 6.19
CA PHE B 170 -0.56 4.64 5.49
C PHE B 170 -0.29 6.06 5.89
N ASP B 171 -0.97 6.50 6.94
CA ASP B 171 -0.89 7.87 7.36
C ASP B 171 -0.84 7.84 8.93
N ILE B 172 0.09 8.59 9.51
CA ILE B 172 0.29 8.61 10.97
C ILE B 172 -0.98 9.06 11.70
N ALA B 173 -1.68 10.03 11.15
CA ALA B 173 -2.86 10.53 11.86
C ALA B 173 -3.88 9.42 11.93
N HIS B 174 -3.95 8.59 10.86
CA HIS B 174 -4.83 7.41 10.87
C HIS B 174 -4.45 6.30 11.85
N PHE B 175 -3.16 5.98 11.95
CA PHE B 175 -2.69 5.16 13.09
C PHE B 175 -3.17 5.76 14.44
N ASP B 176 -2.97 7.05 14.65
CA ASP B 176 -3.30 7.62 15.96
C ASP B 176 -4.81 7.40 16.16
N THR B 177 -5.62 7.72 15.16
CA THR B 177 -7.07 7.59 15.30
C THR B 177 -7.48 6.13 15.50
N ALA B 178 -6.97 5.21 14.68
CA ALA B 178 -7.42 3.82 14.78
C ALA B 178 -7.04 3.20 16.13
N ALA B 179 -5.84 3.45 16.58
CA ALA B 179 -5.38 2.86 17.83
C ALA B 179 -6.20 3.44 18.99
N ALA B 180 -6.52 4.72 18.95
CA ALA B 180 -7.33 5.30 20.06
C ALA B 180 -8.72 4.69 20.10
N VAL B 181 -9.36 4.47 18.94
CA VAL B 181 -10.61 3.65 18.88
C VAL B 181 -10.43 2.26 19.51
N LEU B 182 -9.45 1.50 19.06
CA LEU B 182 -9.26 0.18 19.64
C LEU B 182 -9.03 0.16 21.16
N ASN B 183 -8.22 1.10 21.64
CA ASN B 183 -7.99 1.27 23.05
C ASN B 183 -9.21 1.63 23.90
N GLU B 184 -10.31 2.03 23.26
CA GLU B 184 -11.57 2.23 23.99
C GLU B 184 -12.20 0.92 24.39
N PHE B 185 -11.67 -0.22 23.90
CA PHE B 185 -12.30 -1.52 24.12
C PHE B 185 -11.38 -2.52 24.84
N PRO B 186 -11.55 -2.64 26.16
CA PRO B 186 -10.72 -3.49 26.99
C PRO B 186 -10.76 -4.94 26.60
N LEU B 187 -11.86 -5.36 25.98
CA LEU B 187 -12.01 -6.79 25.55
C LEU B 187 -11.20 -7.09 24.27
N VAL B 188 -10.78 -6.06 23.52
CA VAL B 188 -9.96 -6.32 22.32
C VAL B 188 -8.54 -6.57 22.80
N LYS B 189 -8.16 -7.83 22.89
CA LYS B 189 -6.89 -8.13 23.52
C LYS B 189 -5.79 -8.34 22.49
N PHE B 190 -6.16 -8.50 21.22
CA PHE B 190 -5.13 -8.63 20.15
C PHE B 190 -5.58 -7.96 18.88
N VAL B 191 -4.59 -7.46 18.16
CA VAL B 191 -4.81 -6.76 16.94
C VAL B 191 -3.93 -7.46 15.89
N THR B 192 -4.54 -7.88 14.79
CA THR B 192 -3.78 -8.53 13.68
C THR B 192 -3.60 -7.53 12.54
N CYS B 193 -2.32 -7.24 12.24
CA CYS B 193 -1.89 -6.24 11.26
C CYS B 193 -1.00 -7.00 10.32
N VAL B 194 -1.39 -7.19 9.06
CA VAL B 194 -2.45 -6.51 8.40
C VAL B 194 -3.18 -7.49 7.45
N ASN B 195 -4.37 -7.08 7.07
CA ASN B 195 -5.07 -7.67 5.96
C ASN B 195 -4.35 -7.30 4.65
N SER B 196 -4.81 -7.83 3.56
CA SER B 196 -4.20 -7.51 2.27
C SER B 196 -4.22 -6.01 1.90
N VAL B 197 -3.25 -5.59 1.12
CA VAL B 197 -3.18 -4.18 0.66
C VAL B 197 -4.25 -4.02 -0.45
N GLY B 198 -5.26 -3.15 -0.17
CA GLY B 198 -6.51 -3.18 -0.91
C GLY B 198 -6.39 -2.68 -2.34
N ASN B 199 -7.15 -3.33 -3.22
CA ASN B 199 -7.36 -2.80 -4.57
C ASN B 199 -6.08 -2.51 -5.32
N GLY B 200 -5.19 -3.48 -5.37
CA GLY B 200 -4.09 -3.44 -6.37
C GLY B 200 -4.60 -4.00 -7.70
N LEU B 201 -3.79 -3.88 -8.75
CA LEU B 201 -4.17 -4.35 -10.07
C LEU B 201 -2.89 -4.99 -10.70
N VAL B 202 -3.01 -6.26 -10.99
CA VAL B 202 -1.97 -7.01 -11.76
C VAL B 202 -2.39 -7.14 -13.19
N ILE B 203 -1.50 -6.74 -14.11
CA ILE B 203 -1.69 -6.86 -15.55
C ILE B 203 -0.63 -7.76 -16.16
N ASP B 204 -1.08 -8.66 -17.02
CA ASP B 204 -0.18 -9.57 -17.73
C ASP B 204 0.20 -8.93 -19.09
N ALA B 205 1.48 -8.67 -19.28
CA ALA B 205 1.95 -8.00 -20.47
C ALA B 205 1.71 -8.76 -21.75
N GLU B 206 1.90 -10.08 -21.75
CA GLU B 206 1.65 -10.90 -22.97
C GLU B 206 0.19 -10.82 -23.45
N SER B 207 -0.75 -11.04 -22.56
CA SER B 207 -2.13 -11.11 -22.93
C SER B 207 -2.82 -9.73 -22.87
N GLU B 208 -2.12 -8.75 -22.33
CA GLU B 208 -2.68 -7.41 -22.14
C GLU B 208 -3.96 -7.36 -21.31
N SER B 209 -4.06 -8.27 -20.34
CA SER B 209 -5.28 -8.53 -19.58
C SER B 209 -4.97 -8.52 -18.08
N VAL B 210 -5.90 -8.06 -17.29
CA VAL B 210 -5.87 -8.28 -15.87
C VAL B 210 -5.94 -9.78 -15.62
N VAL B 211 -5.68 -10.23 -14.39
CA VAL B 211 -5.46 -11.64 -14.12
C VAL B 211 -6.49 -12.29 -13.20
N ILE B 212 -7.35 -11.48 -12.59
CA ILE B 212 -8.46 -12.03 -11.88
C ILE B 212 -9.67 -11.42 -12.53
N LYS B 213 -10.80 -12.15 -12.48
CA LYS B 213 -12.07 -11.76 -13.13
C LYS B 213 -12.91 -10.73 -12.40
N PRO B 214 -13.00 -10.84 -11.08
CA PRO B 214 -13.86 -9.89 -10.36
C PRO B 214 -13.30 -8.49 -10.35
N LYS B 215 -14.21 -7.53 -10.13
CA LYS B 215 -13.87 -6.15 -9.97
C LYS B 215 -12.89 -5.60 -11.02
N GLN B 216 -13.07 -6.01 -12.26
CA GLN B 216 -12.21 -5.52 -13.34
C GLN B 216 -10.72 -5.72 -13.07
N GLY B 217 -10.43 -6.69 -12.22
CA GLY B 217 -9.05 -7.18 -12.05
C GLY B 217 -8.46 -6.63 -10.77
N PHE B 218 -9.22 -5.77 -10.03
CA PHE B 218 -8.79 -5.14 -8.78
C PHE B 218 -8.93 -6.14 -7.61
N GLY B 219 -7.96 -6.19 -6.72
CA GLY B 219 -7.96 -7.15 -5.58
C GLY B 219 -6.95 -6.85 -4.55
N GLY B 220 -7.03 -7.48 -3.37
CA GLY B 220 -6.05 -7.27 -2.35
C GLY B 220 -4.69 -7.94 -2.62
N LEU B 221 -3.64 -7.24 -2.28
CA LEU B 221 -2.27 -7.73 -2.44
C LEU B 221 -1.70 -8.34 -1.17
N GLY B 222 -1.02 -9.44 -1.34
CA GLY B 222 -0.22 -10.00 -0.24
C GLY B 222 1.13 -10.47 -0.81
N GLY B 223 1.94 -11.06 0.04
CA GLY B 223 3.26 -11.50 -0.39
C GLY B 223 4.37 -10.46 -0.13
N LYS B 224 5.47 -10.64 -0.84
CA LYS B 224 6.59 -9.71 -0.77
C LYS B 224 6.28 -8.23 -1.06
N TYR B 225 5.30 -7.91 -1.87
CA TYR B 225 4.94 -6.54 -2.09
C TYR B 225 4.64 -5.86 -0.74
N ILE B 226 4.21 -6.60 0.29
CA ILE B 226 3.55 -5.89 1.38
C ILE B 226 4.29 -5.89 2.72
N LEU B 227 5.46 -6.48 2.74
CA LEU B 227 6.18 -6.70 3.99
C LEU B 227 6.52 -5.38 4.73
N PRO B 228 7.03 -4.35 4.02
CA PRO B 228 7.37 -3.16 4.80
C PRO B 228 6.11 -2.42 5.34
N THR B 229 5.00 -2.53 4.61
CA THR B 229 3.74 -1.97 4.99
C THR B 229 3.23 -2.74 6.24
N ALA B 230 3.35 -4.06 6.23
CA ALA B 230 2.92 -4.91 7.38
C ALA B 230 3.82 -4.63 8.61
N LEU B 231 5.14 -4.43 8.40
CA LEU B 231 6.03 -4.12 9.51
C LEU B 231 5.71 -2.81 10.12
N ALA B 232 5.31 -1.86 9.30
CA ALA B 232 4.96 -0.54 9.81
C ALA B 232 3.70 -0.55 10.61
N ASN B 233 2.70 -1.30 10.13
CA ASN B 233 1.48 -1.46 10.86
C ASN B 233 1.65 -2.25 12.17
N VAL B 234 2.46 -3.30 12.16
CA VAL B 234 2.72 -4.01 13.40
C VAL B 234 3.38 -3.08 14.43
N ASN B 235 4.39 -2.39 14.03
CA ASN B 235 5.03 -1.53 14.94
C ASN B 235 4.21 -0.36 15.45
N ALA B 236 3.49 0.28 14.55
CA ALA B 236 2.67 1.44 14.89
C ALA B 236 1.66 1.10 15.94
N PHE B 237 0.99 -0.07 15.79
CA PHE B 237 0.02 -0.54 16.78
C PHE B 237 0.69 -1.07 18.03
N TYR B 238 1.87 -1.65 17.90
CA TYR B 238 2.56 -2.11 19.06
C TYR B 238 2.93 -0.97 19.93
N ARG B 239 3.32 0.16 19.33
CA ARG B 239 3.71 1.31 20.11
C ARG B 239 2.47 1.95 20.74
N ARG B 240 1.35 1.86 20.06
CA ARG B 240 0.17 2.64 20.49
C ARG B 240 -0.74 1.88 21.42
N CYS B 241 -0.59 0.57 21.50
CA CYS B 241 -1.53 -0.27 22.23
C CYS B 241 -0.74 -1.12 23.24
N PRO B 242 -0.15 -0.46 24.26
CA PRO B 242 0.70 -1.22 25.19
C PRO B 242 -0.01 -2.32 25.98
N ASP B 243 -1.33 -2.23 26.14
CA ASP B 243 -2.12 -3.26 26.83
C ASP B 243 -2.69 -4.36 25.93
N LYS B 244 -2.37 -4.38 24.63
CA LYS B 244 -2.87 -5.44 23.75
C LYS B 244 -1.67 -6.18 23.17
N LEU B 245 -1.93 -7.33 22.57
CA LEU B 245 -0.91 -8.01 21.78
C LEU B 245 -1.09 -7.58 20.33
N VAL B 246 -0.05 -7.73 19.52
CA VAL B 246 -0.13 -7.46 18.10
C VAL B 246 0.33 -8.76 17.44
N PHE B 247 -0.49 -9.24 16.50
CA PHE B 247 -0.21 -10.44 15.66
C PHE B 247 0.28 -9.84 14.34
N GLY B 248 1.38 -10.34 13.76
CA GLY B 248 1.84 -9.83 12.47
C GLY B 248 1.41 -10.71 11.32
N CYS B 249 1.00 -10.08 10.23
CA CYS B 249 0.58 -10.79 9.04
C CYS B 249 1.02 -9.95 7.92
N GLY B 250 1.70 -10.58 6.97
CA GLY B 250 2.06 -9.87 5.73
C GLY B 250 3.48 -10.12 5.24
N GLY B 251 3.57 -10.79 4.12
CA GLY B 251 4.91 -10.92 3.53
C GLY B 251 5.87 -11.86 4.22
N VAL B 252 5.38 -12.81 5.03
CA VAL B 252 6.26 -13.78 5.66
C VAL B 252 6.51 -14.94 4.71
N TYR B 253 7.75 -15.09 4.23
CA TYR B 253 8.15 -16.25 3.47
C TYR B 253 9.28 -17.07 4.15
N SER B 254 9.89 -16.49 5.15
CA SER B 254 11.13 -16.97 5.77
C SER B 254 11.11 -16.71 7.27
N GLY B 255 11.97 -17.43 7.96
CA GLY B 255 12.20 -17.18 9.38
C GLY B 255 12.78 -15.79 9.62
N GLU B 256 13.60 -15.31 8.68
CA GLU B 256 14.07 -13.90 8.75
C GLU B 256 12.90 -12.94 8.71
N ASP B 257 11.91 -13.20 7.83
CA ASP B 257 10.73 -12.28 7.75
C ASP B 257 9.92 -12.32 9.05
N ALA B 258 9.83 -13.50 9.65
CA ALA B 258 9.15 -13.70 10.94
C ALA B 258 9.95 -13.00 12.03
N PHE B 259 11.26 -13.17 12.01
CA PHE B 259 12.16 -12.34 12.90
C PHE B 259 11.90 -10.85 12.91
N LEU B 260 11.73 -10.27 11.71
CA LEU B 260 11.43 -8.83 11.56
C LEU B 260 10.05 -8.48 12.11
N HIS B 261 9.05 -9.32 11.88
CA HIS B 261 7.74 -9.08 12.46
C HIS B 261 7.75 -9.09 14.02
N ILE B 262 8.52 -10.02 14.60
CA ILE B 262 8.63 -10.06 16.02
C ILE B 262 9.42 -8.84 16.55
N LEU B 263 10.51 -8.49 15.88
CA LEU B 263 11.25 -7.25 16.29
C LEU B 263 10.30 -6.05 16.23
N ALA B 264 9.43 -6.03 15.23
CA ALA B 264 8.44 -4.94 15.10
C ALA B 264 7.42 -4.96 16.22
N GLY B 265 7.27 -6.12 16.89
CA GLY B 265 6.34 -6.23 17.98
C GLY B 265 5.36 -7.42 17.99
N ALA B 266 5.39 -8.25 16.96
CA ALA B 266 4.45 -9.33 16.81
C ALA B 266 4.65 -10.46 17.87
N SER B 267 3.52 -10.99 18.31
CA SER B 267 3.50 -12.07 19.30
C SER B 267 3.27 -13.33 18.54
N MET B 268 2.29 -13.32 17.66
CA MET B 268 2.02 -14.39 16.74
C MET B 268 2.31 -13.83 15.34
N VAL B 269 2.70 -14.74 14.44
CA VAL B 269 3.04 -14.48 13.04
C VAL B 269 2.18 -15.37 12.09
N GLN B 270 1.36 -14.72 11.27
CA GLN B 270 0.46 -15.37 10.32
C GLN B 270 1.10 -15.43 8.93
N VAL B 271 0.76 -16.52 8.19
CA VAL B 271 1.38 -16.82 6.91
C VAL B 271 0.19 -17.05 5.96
N GLY B 272 0.02 -16.15 4.94
CA GLY B 272 -0.99 -16.24 3.89
C GLY B 272 -0.35 -16.74 2.59
N THR B 273 0.07 -15.80 1.77
CA THR B 273 0.53 -16.05 0.40
C THR B 273 1.56 -17.18 0.39
N ALA B 274 2.53 -17.14 1.28
CA ALA B 274 3.66 -18.11 1.22
C ALA B 274 3.11 -19.50 1.47
N LEU B 275 2.10 -19.55 2.33
CA LEU B 275 1.46 -20.82 2.74
C LEU B 275 0.60 -21.37 1.58
N GLN B 276 -0.14 -20.47 0.93
CA GLN B 276 -0.88 -20.85 -0.23
C GLN B 276 0.04 -21.45 -1.31
N GLU B 277 1.24 -20.91 -1.41
CA GLU B 277 2.08 -21.31 -2.49
C GLU B 277 2.93 -22.52 -2.15
N GLU B 278 3.43 -22.63 -0.94
CA GLU B 278 4.39 -23.64 -0.53
C GLU B 278 3.70 -24.84 0.10
N GLY B 279 2.51 -24.63 0.70
CA GLY B 279 1.82 -25.68 1.45
C GLY B 279 2.30 -25.71 2.93
N PRO B 280 1.68 -26.56 3.75
CA PRO B 280 1.89 -26.53 5.21
C PRO B 280 3.25 -27.03 5.72
N GLY B 281 4.06 -27.64 4.84
CA GLY B 281 5.50 -27.93 5.15
C GLY B 281 6.26 -26.66 5.52
N ILE B 282 5.80 -25.54 5.00
CA ILE B 282 6.39 -24.27 5.32
C ILE B 282 6.58 -24.06 6.84
N PHE B 283 5.68 -24.53 7.68
CA PHE B 283 5.80 -24.28 9.12
C PHE B 283 7.06 -24.91 9.72
N THR B 284 7.41 -26.10 9.29
CA THR B 284 8.67 -26.65 9.75
C THR B 284 9.87 -25.81 9.33
N ARG B 285 9.85 -25.25 8.11
CA ARG B 285 11.01 -24.48 7.62
C ARG B 285 11.12 -23.19 8.36
N LEU B 286 9.98 -22.55 8.58
CA LEU B 286 9.95 -21.31 9.28
C LEU B 286 10.48 -21.43 10.74
N GLU B 287 10.11 -22.49 11.38
CA GLU B 287 10.53 -22.73 12.77
C GLU B 287 12.02 -22.89 12.81
N ASP B 288 12.53 -23.71 11.89
CA ASP B 288 13.95 -24.01 11.87
C ASP B 288 14.77 -22.75 11.60
N GLU B 289 14.29 -21.93 10.65
CA GLU B 289 15.02 -20.73 10.24
C GLU B 289 15.00 -19.70 11.33
N LEU B 290 13.84 -19.49 11.96
CA LEU B 290 13.76 -18.57 13.09
C LEU B 290 14.70 -19.00 14.25
N LEU B 291 14.69 -20.29 14.56
CA LEU B 291 15.53 -20.83 15.61
C LEU B 291 16.97 -20.61 15.30
N GLU B 292 17.31 -20.73 14.02
CA GLU B 292 18.68 -20.55 13.56
C GLU B 292 19.19 -19.11 13.68
N ILE B 293 18.39 -18.14 13.22
CA ILE B 293 18.65 -16.71 13.46
C ILE B 293 18.80 -16.38 14.98
N MET B 294 17.92 -16.93 15.79
CA MET B 294 18.03 -16.80 17.25
C MET B 294 19.34 -17.32 17.80
N ALA B 295 19.69 -18.55 17.43
CA ALA B 295 20.98 -19.14 17.81
C ALA B 295 22.15 -18.27 17.43
N ARG B 296 22.22 -17.81 16.19
CA ARG B 296 23.34 -16.97 15.73
C ARG B 296 23.45 -15.65 16.53
N LYS B 297 22.32 -15.13 16.99
CA LYS B 297 22.29 -13.88 17.72
C LYS B 297 22.47 -14.07 19.22
N GLY B 298 22.38 -15.31 19.69
CA GLY B 298 22.35 -15.56 21.12
C GLY B 298 21.04 -15.21 21.84
N TYR B 299 19.92 -15.23 21.12
CA TYR B 299 18.64 -15.05 21.73
C TYR B 299 18.10 -16.41 22.18
N ARG B 300 17.63 -16.52 23.42
CA ARG B 300 17.03 -17.77 23.89
C ARG B 300 15.50 -17.81 23.84
N THR B 301 14.87 -16.65 23.78
CA THR B 301 13.45 -16.50 23.84
C THR B 301 13.00 -15.37 22.89
N LEU B 302 11.74 -15.42 22.51
CA LEU B 302 11.12 -14.40 21.66
C LEU B 302 11.05 -13.10 22.43
N GLU B 303 10.74 -13.20 23.73
CA GLU B 303 10.55 -12.03 24.60
C GLU B 303 11.80 -11.14 24.66
N GLU B 304 12.99 -11.73 24.53
CA GLU B 304 14.23 -10.94 24.56
C GLU B 304 14.31 -9.93 23.41
N PHE B 305 13.65 -10.21 22.30
CA PHE B 305 13.69 -9.23 21.15
C PHE B 305 12.36 -8.75 20.61
N ARG B 306 11.23 -9.12 21.20
CA ARG B 306 9.99 -8.72 20.66
C ARG B 306 9.82 -7.26 20.89
N GLY B 307 9.54 -6.55 19.81
CA GLY B 307 9.35 -5.11 19.86
C GLY B 307 10.62 -4.35 20.09
N ARG B 308 11.76 -4.98 19.94
CA ARG B 308 13.00 -4.29 20.27
C ARG B 308 13.74 -3.72 19.06
N VAL B 309 13.00 -3.51 17.96
CA VAL B 309 13.55 -2.86 16.77
C VAL B 309 14.23 -1.53 17.22
N LYS B 310 15.44 -1.37 16.78
CA LYS B 310 16.28 -0.18 17.08
C LYS B 310 15.95 0.97 16.12
N THR B 311 15.78 2.19 16.64
CA THR B 311 15.70 3.37 15.78
C THR B 311 17.10 4.01 15.75
N ILE B 312 17.30 5.01 14.89
CA ILE B 312 18.60 5.66 14.70
C ILE B 312 18.60 6.98 15.44
N GLU B 313 19.57 7.14 16.35
CA GLU B 313 19.78 8.37 17.11
C GLU B 313 18.53 8.85 17.81
#